data_3BQ1
#
_entry.id   3BQ1
#
_cell.length_a   124.96
_cell.length_b   124.96
_cell.length_c   70.21
_cell.angle_alpha   90.000
_cell.angle_beta   90.000
_cell.angle_gamma   90.000
#
_symmetry.space_group_name_H-M   'P 41 21 2'
#
loop_
_entity.id
_entity.type
_entity.pdbx_description
1 polymer "DNA (5'-D(*DGP*DAP*DAP*DGP*DCP*DCP*DGP*DGP*DCP*DG)-3')"
2 polymer "DNA (5'-D(*DT*DTP*DCP*DCP*DGP*DCP*DCP*DCP*DGP*DGP*DCP*DTP*DTP*DCP*DC)-3')"
3 polymer 'DNA polymerase IV'
4 non-polymer "2'-3'-DIDEOXYGUANOSINE-5'-TRIPHOSPHATE"
5 non-polymer 'CALCIUM ION'
6 water water
#
loop_
_entity_poly.entity_id
_entity_poly.type
_entity_poly.pdbx_seq_one_letter_code
_entity_poly.pdbx_strand_id
1 'polydeoxyribonucleotide' (DG)(DA)(DA)(DG)(DC)(DC)(DG)(DG)(DC)(DG) P
2 'polydeoxyribonucleotide' (DT)(DT)(DC)(DC)(DG)(DC)(DC)(DC)(DG)(DG)(DC)(DT)(DT)(DC)(DC) T
3 'polypeptide(L)'
;MIVIFVDFDYFFAQVEEVLNPQYKGKPLVVCVYSGRTKTSGAVATANYEARKLGVKAGMPIIKAMQIAPSAIYVPMRKPI
YEAFSNRIMNLLNKHADKIEVASIDEAYLDVTNKVEGNFENGIELARKIKQEILEKEKITVTVGVAPNKILAKIIADKSK
PNGLGVIRPTEVQDFLNELDIDEIPGIGSVLARRLNELGIQKLRDILSKNYNELEKITGKAKALYLLKLAQNKYSEPVEN
KSKIPHGRYLTLPYNTRDVKVILPYLKKAINEAYNKVNGIPMRITVIAIMEDLDILSKGKKFKHGISIDNAYKVAEDLLR
ELLVRDKRRNVRRIGVKLDNIIINKTNLSDFFDI
;
A
#
loop_
_chem_comp.id
_chem_comp.type
_chem_comp.name
_chem_comp.formula
CA non-polymer 'CALCIUM ION' 'Ca 2'
DA DNA linking 2'-DEOXYADENOSINE-5'-MONOPHOSPHATE 'C10 H14 N5 O6 P'
DC DNA linking 2'-DEOXYCYTIDINE-5'-MONOPHOSPHATE 'C9 H14 N3 O7 P'
DG DNA linking 2'-DEOXYGUANOSINE-5'-MONOPHOSPHATE 'C10 H14 N5 O7 P'
DG3 non-polymer 2'-3'-DIDEOXYGUANOSINE-5'-TRIPHOSPHATE 'C10 H16 N5 O12 P3'
DT DNA linking THYMIDINE-5'-MONOPHOSPHATE 'C10 H15 N2 O8 P'
#
# COMPACT_ATOMS: atom_id res chain seq x y z
N MET C 1 9.96 21.75 0.42
CA MET C 1 9.33 20.42 0.57
C MET C 1 9.90 19.69 1.77
N ILE C 2 9.09 19.51 2.79
CA ILE C 2 9.46 18.64 3.92
C ILE C 2 8.47 17.50 3.99
N VAL C 3 8.94 16.29 3.74
CA VAL C 3 8.09 15.11 3.79
C VAL C 3 8.47 14.25 4.98
N ILE C 4 7.47 13.90 5.78
CA ILE C 4 7.61 12.89 6.80
C ILE C 4 6.84 11.65 6.35
N PHE C 5 7.56 10.55 6.18
CA PHE C 5 6.98 9.28 5.86
C PHE C 5 6.86 8.43 7.11
N VAL C 6 5.69 7.86 7.33
CA VAL C 6 5.39 7.06 8.52
C VAL C 6 5.01 5.64 8.10
N ASP C 7 5.68 4.65 8.67
CA ASP C 7 5.43 3.27 8.33
C ASP C 7 5.33 2.48 9.63
N PHE C 8 4.23 1.76 9.80
CA PHE C 8 3.97 1.07 11.07
C PHE C 8 4.81 -0.20 11.13
N ASP C 9 5.49 -0.39 12.25
CA ASP C 9 6.42 -1.51 12.46
C ASP C 9 5.68 -2.85 12.56
N TYR C 10 6.08 -3.82 11.74
CA TYR C 10 5.43 -5.14 11.71
C TYR C 10 3.92 -5.09 12.13
N PHE C 11 3.15 -4.32 11.37
CA PHE C 11 1.85 -3.85 11.83
C PHE C 11 0.91 -4.92 12.39
N PHE C 12 0.57 -5.94 11.58
CA PHE C 12 -0.43 -6.92 11.98
C PHE C 12 -0.02 -7.63 13.26
N ALA C 13 1.23 -8.11 13.28
CA ALA C 13 1.76 -8.76 14.47
C ALA C 13 1.77 -7.78 15.63
N GLN C 14 2.13 -6.52 15.38
CA GLN C 14 2.19 -5.55 16.48
C GLN C 14 0.81 -5.27 17.08
N VAL C 15 -0.21 -5.22 16.24
CA VAL C 15 -1.57 -5.07 16.72
C VAL C 15 -1.91 -6.28 17.60
N GLU C 16 -1.56 -7.49 17.14
CA GLU C 16 -1.84 -8.68 17.93
C GLU C 16 -1.16 -8.61 19.28
N GLU C 17 0.05 -8.08 19.32
CA GLU C 17 0.78 -7.87 20.59
C GLU C 17 0.08 -6.89 21.53
N VAL C 18 -0.56 -5.87 20.98
CA VAL C 18 -1.23 -4.86 21.80
C VAL C 18 -2.50 -5.42 22.43
N LEU C 19 -3.23 -6.22 21.65
CA LEU C 19 -4.48 -6.82 22.10
C LEU C 19 -4.22 -7.94 23.10
N ASN C 20 -3.11 -8.66 22.91
CA ASN C 20 -2.68 -9.70 23.82
C ASN C 20 -1.21 -9.54 24.21
N PRO C 21 -0.94 -8.67 25.21
CA PRO C 21 0.42 -8.40 25.67
C PRO C 21 1.26 -9.63 26.03
N GLN C 22 0.64 -10.80 26.18
CA GLN C 22 1.41 -12.00 26.49
C GLN C 22 2.31 -12.42 25.35
N TYR C 23 1.99 -11.96 24.14
CA TYR C 23 2.82 -12.25 22.96
C TYR C 23 4.08 -11.41 22.89
N LYS C 24 4.09 -10.29 23.61
CA LYS C 24 5.21 -9.35 23.58
C LYS C 24 6.46 -10.07 24.07
N GLY C 25 7.50 -10.10 23.21
CA GLY C 25 8.77 -10.74 23.54
C GLY C 25 8.86 -12.20 23.14
N LYS C 26 7.73 -12.75 22.70
CA LYS C 26 7.68 -14.11 22.18
C LYS C 26 7.49 -14.10 20.65
N PRO C 27 8.05 -15.12 19.96
CA PRO C 27 7.88 -15.15 18.52
C PRO C 27 6.42 -15.28 18.15
N LEU C 28 5.93 -14.36 17.33
CA LEU C 28 4.53 -14.36 16.90
C LEU C 28 4.40 -14.33 15.38
N VAL C 29 3.50 -15.13 14.84
CA VAL C 29 3.25 -15.14 13.39
C VAL C 29 1.76 -15.01 13.05
N VAL C 30 1.44 -14.04 12.21
CA VAL C 30 0.08 -13.84 11.72
C VAL C 30 -0.04 -14.51 10.38
N CYS C 31 -1.04 -15.38 10.25
CA CYS C 31 -1.19 -16.24 9.08
C CYS C 31 -2.35 -15.85 8.19
N VAL C 32 -2.13 -15.93 6.89
CA VAL C 32 -3.18 -15.69 5.91
C VAL C 32 -3.41 -16.98 5.16
N TYR C 33 -4.68 -17.36 5.03
CA TYR C 33 -5.05 -18.60 4.33
C TYR C 33 -5.76 -18.28 3.01
N SER C 34 -6.04 -19.33 2.25
CA SER C 34 -6.79 -19.21 1.00
C SER C 34 -7.75 -20.39 0.83
N GLY C 35 -8.99 -20.07 0.45
CA GLY C 35 -10.05 -21.07 0.30
C GLY C 35 -10.20 -21.56 -1.12
N ARG C 36 -9.20 -21.29 -1.97
CA ARG C 36 -9.17 -21.77 -3.36
C ARG C 36 -8.99 -23.30 -3.43
N THR C 37 -8.61 -23.82 -4.61
CA THR C 37 -8.40 -25.27 -4.82
C THR C 37 -7.60 -25.98 -3.70
N LYS C 38 -6.59 -25.28 -3.14
CA LYS C 38 -5.84 -25.74 -1.96
C LYS C 38 -6.07 -24.80 -0.77
N THR C 39 -6.15 -25.38 0.43
CA THR C 39 -6.51 -24.65 1.65
C THR C 39 -5.29 -24.18 2.51
N SER C 40 -4.07 -24.35 1.98
CA SER C 40 -2.82 -24.07 2.72
C SER C 40 -2.58 -22.58 3.01
N GLY C 41 -1.86 -22.30 4.09
CA GLY C 41 -1.62 -20.92 4.53
C GLY C 41 -0.18 -20.44 4.40
N ALA C 42 0.03 -19.15 4.66
CA ALA C 42 1.33 -18.51 4.54
C ALA C 42 1.49 -17.40 5.57
N VAL C 43 2.72 -16.91 5.73
CA VAL C 43 3.01 -15.87 6.70
C VAL C 43 2.59 -14.50 6.17
N ALA C 44 1.72 -13.83 6.91
CA ALA C 44 1.35 -12.45 6.59
C ALA C 44 2.31 -11.47 7.28
N THR C 45 2.48 -11.63 8.59
CA THR C 45 3.40 -10.81 9.36
C THR C 45 4.01 -11.60 10.52
N ALA C 46 5.31 -11.45 10.72
CA ALA C 46 5.97 -12.02 11.87
C ALA C 46 6.56 -10.89 12.71
N ASN C 47 6.41 -10.96 14.03
CA ASN C 47 7.10 -9.99 14.91
C ASN C 47 8.60 -10.20 14.89
N TYR C 48 9.35 -9.35 15.57
CA TYR C 48 10.78 -9.38 15.41
C TYR C 48 11.48 -10.58 16.02
N GLU C 49 10.87 -11.19 17.03
CA GLU C 49 11.43 -12.43 17.56
C GLU C 49 11.28 -13.55 16.53
N ALA C 50 10.16 -13.58 15.81
CA ALA C 50 9.98 -14.51 14.70
C ALA C 50 10.89 -14.18 13.50
N ARG C 51 11.02 -12.90 13.17
CA ARG C 51 11.89 -12.48 12.07
C ARG C 51 13.35 -12.83 12.35
N LYS C 52 13.70 -12.86 13.63
CA LYS C 52 15.04 -13.16 14.08
C LYS C 52 15.33 -14.66 13.93
N LEU C 53 14.28 -15.49 13.98
CA LEU C 53 14.44 -16.93 13.80
C LEU C 53 14.32 -17.31 12.33
N GLY C 54 14.21 -16.29 11.48
CA GLY C 54 14.23 -16.49 10.03
C GLY C 54 12.89 -16.41 9.33
N VAL C 55 11.82 -16.19 10.09
CA VAL C 55 10.48 -16.15 9.50
C VAL C 55 10.33 -14.86 8.70
N LYS C 56 9.90 -15.00 7.44
CA LYS C 56 9.63 -13.86 6.58
C LYS C 56 8.22 -13.94 6.02
N ALA C 57 7.67 -12.78 5.63
CA ALA C 57 6.33 -12.73 5.03
C ALA C 57 6.31 -13.52 3.73
N GLY C 58 5.18 -14.17 3.44
CA GLY C 58 5.00 -14.94 2.22
C GLY C 58 5.52 -16.35 2.33
N MET C 59 6.32 -16.59 3.35
CA MET C 59 6.86 -17.91 3.65
C MET C 59 5.70 -18.85 3.92
N PRO C 60 5.65 -20.00 3.23
CA PRO C 60 4.60 -20.96 3.51
C PRO C 60 4.65 -21.34 4.97
N ILE C 61 3.48 -21.43 5.57
CA ILE C 61 3.35 -21.65 7.00
C ILE C 61 4.13 -22.92 7.43
N ILE C 62 3.99 -23.99 6.66
CA ILE C 62 4.68 -25.25 6.94
C ILE C 62 6.17 -25.00 7.13
N LYS C 63 6.75 -24.18 6.25
CA LYS C 63 8.17 -23.86 6.32
C LYS C 63 8.51 -23.00 7.55
N ALA C 64 7.63 -22.06 7.92
CA ALA C 64 7.89 -21.20 9.07
C ALA C 64 7.98 -22.00 10.37
N MET C 65 7.15 -23.03 10.49
CA MET C 65 7.19 -23.93 11.64
C MET C 65 8.48 -24.74 11.73
N GLN C 66 9.06 -25.10 10.58
CA GLN C 66 10.35 -25.79 10.55
C GLN C 66 11.43 -25.00 11.30
N ILE C 67 11.44 -23.68 11.09
CA ILE C 67 12.47 -22.82 11.67
C ILE C 67 12.02 -22.09 12.95
N ALA C 68 10.70 -21.93 13.13
CA ALA C 68 10.16 -21.36 14.37
C ALA C 68 9.12 -22.28 14.99
N PRO C 69 9.56 -23.42 15.54
CA PRO C 69 8.64 -24.31 16.23
C PRO C 69 8.05 -23.65 17.49
N SER C 70 8.82 -22.73 18.08
CA SER C 70 8.44 -22.11 19.33
C SER C 70 7.44 -20.97 19.17
N ALA C 71 7.11 -20.61 17.94
CA ALA C 71 6.25 -19.44 17.70
C ALA C 71 4.77 -19.72 17.90
N ILE C 72 4.01 -18.66 18.15
CA ILE C 72 2.57 -18.75 18.23
C ILE C 72 1.99 -18.33 16.88
N TYR C 73 1.13 -19.18 16.33
CA TYR C 73 0.56 -18.93 15.02
C TYR C 73 -0.91 -18.54 15.10
N VAL C 74 -1.20 -17.32 14.69
CA VAL C 74 -2.57 -16.81 14.82
C VAL C 74 -3.17 -16.43 13.45
N PRO C 75 -4.52 -16.50 13.32
CA PRO C 75 -5.15 -16.11 12.07
C PRO C 75 -5.17 -14.61 11.95
N MET C 76 -5.24 -14.14 10.72
CA MET C 76 -5.29 -12.70 10.44
C MET C 76 -6.68 -12.13 10.69
N ARG C 77 -6.73 -10.96 11.33
CA ARG C 77 -8.01 -10.31 11.60
C ARG C 77 -8.01 -8.88 11.01
N LYS C 78 -8.15 -8.80 9.69
CA LYS C 78 -8.07 -7.53 8.99
C LYS C 78 -8.88 -6.39 9.62
N PRO C 79 -10.17 -6.63 9.91
CA PRO C 79 -11.02 -5.56 10.45
C PRO C 79 -10.42 -4.82 11.65
N ILE C 80 -9.69 -5.53 12.51
CA ILE C 80 -9.09 -4.90 13.65
C ILE C 80 -7.92 -4.04 13.19
N TYR C 81 -7.03 -4.63 12.40
CA TYR C 81 -5.88 -3.90 11.88
C TYR C 81 -6.32 -2.63 11.13
N GLU C 82 -7.42 -2.75 10.39
CA GLU C 82 -8.04 -1.61 9.69
C GLU C 82 -8.52 -0.54 10.65
N ALA C 83 -9.15 -0.94 11.75
CA ALA C 83 -9.60 0.01 12.77
C ALA C 83 -8.41 0.77 13.38
N PHE C 84 -7.37 0.04 13.75
CA PHE C 84 -6.11 0.66 14.21
C PHE C 84 -5.58 1.66 13.20
N SER C 85 -5.43 1.19 11.96
CA SER C 85 -4.90 2.02 10.90
C SER C 85 -5.73 3.30 10.75
N ASN C 86 -7.05 3.14 10.70
CA ASN C 86 -7.95 4.27 10.66
C ASN C 86 -7.66 5.29 11.74
N ARG C 87 -7.53 4.80 12.97
CA ARG C 87 -7.33 5.66 14.12
C ARG C 87 -6.03 6.44 14.04
N ILE C 88 -4.94 5.74 13.71
CA ILE C 88 -3.63 6.35 13.64
C ILE C 88 -3.55 7.34 12.47
N MET C 89 -4.18 7.00 11.35
CA MET C 89 -4.19 7.90 10.21
C MET C 89 -4.83 9.23 10.58
N ASN C 90 -5.90 9.18 11.36
CA ASN C 90 -6.54 10.38 11.87
C ASN C 90 -5.61 11.22 12.73
N LEU C 91 -4.79 10.57 13.56
CA LEU C 91 -3.85 11.29 14.42
C LEU C 91 -2.84 12.09 13.60
N LEU C 92 -2.39 11.49 12.51
CA LEU C 92 -1.46 12.12 11.60
C LEU C 92 -2.09 13.29 10.88
N ASN C 93 -3.39 13.16 10.63
CA ASN C 93 -4.16 14.11 9.86
C ASN C 93 -3.96 15.55 10.32
N LYS C 94 -3.94 15.74 11.64
CA LYS C 94 -3.80 17.06 12.25
C LYS C 94 -2.36 17.55 12.39
N HIS C 95 -1.43 16.86 11.76
CA HIS C 95 -0.01 17.23 11.83
C HIS C 95 0.57 17.59 10.46
N ALA C 96 -0.28 17.59 9.43
CA ALA C 96 0.19 17.73 8.05
C ALA C 96 -0.63 18.74 7.29
N ASP C 97 0.04 19.48 6.41
CA ASP C 97 -0.63 20.37 5.48
C ASP C 97 -1.42 19.49 4.50
N LYS C 98 -0.74 18.48 3.97
CA LYS C 98 -1.32 17.53 3.03
C LYS C 98 -0.88 16.13 3.43
N ILE C 99 -1.80 15.17 3.34
CA ILE C 99 -1.53 13.78 3.72
C ILE C 99 -1.97 12.75 2.68
N GLU C 100 -1.03 11.91 2.27
CA GLU C 100 -1.30 10.86 1.32
C GLU C 100 -1.21 9.53 2.03
N VAL C 101 -2.29 8.76 1.98
CA VAL C 101 -2.31 7.43 2.56
C VAL C 101 -1.94 6.43 1.46
N ALA C 102 -0.84 5.72 1.67
CA ALA C 102 -0.30 4.83 0.65
C ALA C 102 -0.83 3.41 0.81
N SER C 103 -0.92 2.97 2.06
CA SER C 103 -1.47 1.67 2.40
C SER C 103 -1.95 1.68 3.84
N ILE C 104 -2.46 0.54 4.29
CA ILE C 104 -2.95 0.37 5.65
C ILE C 104 -1.92 0.82 6.72
N ASP C 105 -0.63 0.76 6.40
CA ASP C 105 0.39 1.09 7.38
C ASP C 105 1.41 2.15 6.95
N GLU C 106 1.17 2.79 5.81
CA GLU C 106 2.10 3.76 5.25
C GLU C 106 1.39 5.06 4.88
N ALA C 107 1.94 6.18 5.35
CA ALA C 107 1.46 7.51 4.97
C ALA C 107 2.63 8.45 4.66
N TYR C 108 2.37 9.41 3.75
CA TYR C 108 3.29 10.50 3.48
C TYR C 108 2.67 11.81 3.94
N LEU C 109 3.43 12.61 4.67
CA LEU C 109 2.94 13.91 5.13
C LEU C 109 3.80 15.05 4.59
N ASP C 110 3.15 16.05 4.00
CA ASP C 110 3.80 17.31 3.67
C ASP C 110 3.62 18.23 4.88
N VAL C 111 4.73 18.63 5.47
CA VAL C 111 4.69 19.42 6.69
C VAL C 111 5.35 20.79 6.51
N THR C 112 5.60 21.15 5.26
CA THR C 112 6.38 22.32 4.92
C THR C 112 5.81 23.60 5.53
N ASN C 113 4.53 23.85 5.32
CA ASN C 113 3.87 25.00 5.94
C ASN C 113 3.72 24.90 7.47
N LYS C 114 3.57 23.68 7.96
CA LYS C 114 3.46 23.42 9.38
C LYS C 114 4.71 23.88 10.14
N VAL C 115 5.88 23.46 9.67
CA VAL C 115 7.15 23.78 10.32
C VAL C 115 7.81 25.05 9.74
N GLU C 116 7.03 25.81 8.99
CA GLU C 116 7.49 27.05 8.38
C GLU C 116 8.80 26.90 7.59
N GLY C 117 8.90 25.80 6.84
CA GLY C 117 10.03 25.58 5.91
C GLY C 117 11.33 25.24 6.60
N ASN C 118 11.31 25.23 7.93
CA ASN C 118 12.48 24.92 8.74
C ASN C 118 12.64 23.41 8.95
N PHE C 119 13.70 22.84 8.36
CA PHE C 119 13.90 21.40 8.35
C PHE C 119 14.12 20.79 9.74
N GLU C 120 14.67 21.58 10.65
CA GLU C 120 14.93 21.08 12.00
C GLU C 120 13.64 20.87 12.79
N ASN C 121 12.76 21.85 12.76
CA ASN C 121 11.43 21.71 13.37
C ASN C 121 10.65 20.55 12.78
N GLY C 122 10.97 20.22 11.53
CA GLY C 122 10.41 19.05 10.85
C GLY C 122 10.79 17.77 11.57
N ILE C 123 12.06 17.65 11.92
CA ILE C 123 12.56 16.48 12.65
C ILE C 123 11.89 16.44 14.02
N GLU C 124 11.81 17.59 14.67
CA GLU C 124 11.13 17.72 15.95
C GLU C 124 9.69 17.25 15.86
N LEU C 125 9.01 17.60 14.77
CA LEU C 125 7.64 17.16 14.55
C LEU C 125 7.54 15.63 14.41
N ALA C 126 8.46 15.03 13.66
CA ALA C 126 8.48 13.57 13.51
C ALA C 126 8.61 12.88 14.86
N ARG C 127 9.50 13.39 15.71
CA ARG C 127 9.64 12.86 17.05
C ARG C 127 8.34 12.94 17.82
N LYS C 128 7.64 14.07 17.70
CA LYS C 128 6.34 14.25 18.36
C LYS C 128 5.31 13.22 17.87
N ILE C 129 5.25 13.04 16.55
CA ILE C 129 4.34 12.08 15.91
C ILE C 129 4.60 10.66 16.42
N LYS C 130 5.85 10.24 16.38
CA LYS C 130 6.28 8.96 16.94
C LYS C 130 5.76 8.83 18.36
N GLN C 131 6.10 9.82 19.18
CA GLN C 131 5.80 9.80 20.59
C GLN C 131 4.30 9.70 20.83
N GLU C 132 3.53 10.41 20.02
CA GLU C 132 2.09 10.44 20.21
C GLU C 132 1.43 9.11 19.85
N ILE C 133 1.83 8.56 18.70
CA ILE C 133 1.24 7.31 18.23
C ILE C 133 1.51 6.22 19.25
N LEU C 134 2.71 6.23 19.82
CA LEU C 134 3.08 5.27 20.85
C LEU C 134 2.23 5.46 22.11
N GLU C 135 2.08 6.69 22.56
CA GLU C 135 1.29 6.97 23.76
C GLU C 135 -0.21 6.69 23.57
N LYS C 136 -0.76 7.08 22.42
CA LYS C 136 -2.19 6.88 22.16
C LYS C 136 -2.56 5.45 21.80
N GLU C 137 -1.81 4.81 20.89
CA GLU C 137 -2.20 3.49 20.40
C GLU C 137 -1.26 2.37 20.83
N LYS C 138 -0.18 2.73 21.52
CA LYS C 138 0.85 1.77 21.93
C LYS C 138 1.48 1.06 20.74
N ILE C 139 1.50 1.73 19.60
CA ILE C 139 2.13 1.22 18.39
C ILE C 139 3.42 2.02 18.12
N THR C 140 4.52 1.31 17.84
CA THR C 140 5.78 1.96 17.46
C THR C 140 5.89 2.02 15.93
N VAL C 141 6.32 3.15 15.42
CA VAL C 141 6.41 3.33 13.97
C VAL C 141 7.85 3.68 13.58
N THR C 142 8.12 3.56 12.28
CA THR C 142 9.40 4.04 11.74
C THR C 142 9.11 5.22 10.83
N VAL C 143 9.83 6.33 11.04
CA VAL C 143 9.62 7.50 10.19
C VAL C 143 10.83 7.88 9.35
N GLY C 144 10.57 8.58 8.25
CA GLY C 144 11.62 9.11 7.40
C GLY C 144 11.35 10.56 7.06
N VAL C 145 12.33 11.43 7.32
CA VAL C 145 12.19 12.85 7.02
C VAL C 145 13.12 13.26 5.88
N ALA C 146 12.56 13.87 4.84
CA ALA C 146 13.32 14.24 3.65
C ALA C 146 12.62 15.31 2.78
N PRO C 147 13.37 15.95 1.86
CA PRO C 147 12.77 16.91 0.94
C PRO C 147 11.74 16.36 -0.06
N ASN C 148 11.84 15.09 -0.44
CA ASN C 148 10.82 14.48 -1.31
C ASN C 148 10.31 13.13 -0.82
N LYS C 149 9.21 12.68 -1.40
CA LYS C 149 8.54 11.45 -0.99
C LYS C 149 9.47 10.24 -1.02
N ILE C 150 10.10 10.04 -2.17
CA ILE C 150 10.87 8.82 -2.42
C ILE C 150 12.04 8.65 -1.46
N LEU C 151 12.74 9.75 -1.20
CA LEU C 151 13.81 9.77 -0.22
C LEU C 151 13.28 9.49 1.19
N ALA C 152 12.17 10.15 1.55
CA ALA C 152 11.57 9.97 2.88
C ALA C 152 11.25 8.50 3.15
N LYS C 153 10.82 7.77 2.12
CA LYS C 153 10.51 6.35 2.25
C LYS C 153 11.80 5.55 2.32
N ILE C 154 12.72 5.86 1.42
CA ILE C 154 13.94 5.11 1.29
C ILE C 154 14.76 5.14 2.58
N ILE C 155 14.70 6.25 3.31
CA ILE C 155 15.46 6.39 4.55
C ILE C 155 14.76 5.75 5.75
N ALA C 156 13.42 5.82 5.77
CA ALA C 156 12.66 5.11 6.78
C ALA C 156 12.97 3.63 6.67
N ASP C 157 13.03 3.13 5.44
CA ASP C 157 13.31 1.72 5.17
C ASP C 157 14.64 1.28 5.72
N LYS C 158 15.63 2.18 5.71
CA LYS C 158 16.93 1.85 6.29
C LYS C 158 16.95 1.99 7.82
N SER C 159 15.88 2.53 8.39
CA SER C 159 15.83 2.82 9.82
C SER C 159 14.89 1.93 10.64
N LYS C 160 14.29 0.91 10.01
CA LYS C 160 13.36 0.04 10.72
C LYS C 160 14.06 -0.93 11.69
N PRO C 161 13.42 -1.29 12.82
CA PRO C 161 12.12 -0.83 13.37
C PRO C 161 12.28 0.31 14.37
N ASN C 162 11.17 0.98 14.69
CA ASN C 162 11.17 2.10 15.65
C ASN C 162 12.33 3.05 15.41
N GLY C 163 12.49 3.48 14.17
CA GLY C 163 13.60 4.36 13.81
C GLY C 163 13.12 5.71 13.37
N LEU C 164 14.07 6.60 13.13
CA LEU C 164 13.78 7.93 12.61
C LEU C 164 14.90 8.35 11.66
N GLY C 165 14.71 8.03 10.38
CA GLY C 165 15.65 8.41 9.33
C GLY C 165 15.52 9.86 8.94
N VAL C 166 16.65 10.46 8.58
CA VAL C 166 16.70 11.87 8.21
C VAL C 166 17.68 12.09 7.08
N ILE C 167 17.21 12.69 6.00
CA ILE C 167 18.07 13.20 4.95
C ILE C 167 17.83 14.69 4.79
N ARG C 168 18.86 15.49 5.11
CA ARG C 168 18.76 16.94 5.05
C ARG C 168 19.06 17.43 3.62
N PRO C 169 18.49 18.59 3.24
CA PRO C 169 18.76 19.20 1.93
C PRO C 169 20.20 19.04 1.42
N THR C 170 21.18 19.20 2.30
CA THR C 170 22.60 19.16 1.90
C THR C 170 23.15 17.75 1.74
N GLU C 171 22.45 16.77 2.30
CA GLU C 171 22.89 15.39 2.27
C GLU C 171 22.41 14.65 1.02
N VAL C 172 21.46 15.25 0.31
CA VAL C 172 20.75 14.58 -0.79
C VAL C 172 21.68 14.07 -1.90
N GLN C 173 22.49 14.97 -2.46
CA GLN C 173 23.38 14.65 -3.56
C GLN C 173 24.28 13.45 -3.27
N ASP C 174 24.88 13.46 -2.08
CA ASP C 174 25.76 12.38 -1.63
C ASP C 174 24.96 11.09 -1.50
N PHE C 175 23.74 11.22 -0.97
CA PHE C 175 22.91 10.06 -0.72
C PHE C 175 22.54 9.33 -2.01
N LEU C 176 22.23 10.11 -3.05
CA LEU C 176 21.94 9.55 -4.37
C LEU C 176 23.17 8.82 -4.93
N ASN C 177 24.32 9.48 -4.84
CA ASN C 177 25.61 8.89 -5.22
C ASN C 177 25.87 7.56 -4.51
N GLU C 178 25.42 7.50 -3.25
CA GLU C 178 25.71 6.38 -2.35
C GLU C 178 24.79 5.19 -2.59
N LEU C 179 23.63 5.46 -3.17
CA LEU C 179 22.54 4.51 -3.20
C LEU C 179 22.77 3.32 -4.12
N ASP C 180 22.57 2.11 -3.59
CA ASP C 180 22.54 0.88 -4.40
C ASP C 180 21.31 0.88 -5.30
N ILE C 181 21.44 0.29 -6.48
CA ILE C 181 20.36 0.28 -7.47
C ILE C 181 19.09 -0.44 -6.98
N ASP C 182 19.25 -1.57 -6.31
CA ASP C 182 18.10 -2.39 -5.87
C ASP C 182 17.40 -1.82 -4.63
N GLU C 183 18.03 -0.84 -4.01
CA GLU C 183 17.48 -0.17 -2.82
C GLU C 183 16.38 0.81 -3.16
N ILE C 184 16.21 1.10 -4.46
CA ILE C 184 15.28 2.11 -4.95
C ILE C 184 13.88 1.53 -5.19
N PRO C 185 12.83 2.22 -4.70
CA PRO C 185 11.44 1.80 -4.94
C PRO C 185 11.15 1.64 -6.43
N GLY C 186 10.42 0.59 -6.77
CA GLY C 186 10.05 0.32 -8.16
C GLY C 186 10.99 -0.66 -8.83
N ILE C 187 12.12 -0.94 -8.18
CA ILE C 187 13.08 -1.91 -8.69
C ILE C 187 13.10 -3.16 -7.81
N GLY C 188 12.31 -4.14 -8.22
CA GLY C 188 12.29 -5.46 -7.56
C GLY C 188 13.54 -6.23 -7.93
N SER C 189 13.63 -7.47 -7.43
CA SER C 189 14.80 -8.30 -7.65
C SER C 189 15.13 -8.51 -9.15
N VAL C 190 14.11 -8.86 -9.94
CA VAL C 190 14.29 -9.19 -11.37
C VAL C 190 14.95 -8.07 -12.18
N LEU C 191 14.48 -6.84 -11.98
CA LEU C 191 15.05 -5.65 -12.64
C LEU C 191 16.48 -5.39 -12.24
N ALA C 192 16.79 -5.63 -10.96
CA ALA C 192 18.13 -5.44 -10.43
C ALA C 192 19.13 -6.42 -11.06
N ARG C 193 18.74 -7.70 -11.08
CA ARG C 193 19.52 -8.77 -11.71
C ARG C 193 19.97 -8.36 -13.11
N ARG C 194 19.03 -7.82 -13.89
CA ARG C 194 19.28 -7.38 -15.26
C ARG C 194 20.10 -6.10 -15.35
N LEU C 195 19.97 -5.24 -14.35
CA LEU C 195 20.73 -3.99 -14.31
C LEU C 195 22.17 -4.20 -13.89
N ASN C 196 22.39 -5.12 -12.95
CA ASN C 196 23.74 -5.50 -12.52
C ASN C 196 24.51 -6.18 -13.64
N GLU C 197 23.80 -6.97 -14.43
CA GLU C 197 24.39 -7.66 -15.57
C GLU C 197 24.51 -6.75 -16.79
N LEU C 198 24.43 -5.43 -16.56
CA LEU C 198 24.70 -4.45 -17.61
C LEU C 198 25.61 -3.32 -17.09
N GLY C 199 26.21 -3.53 -15.92
CA GLY C 199 27.21 -2.62 -15.38
C GLY C 199 26.70 -1.56 -14.42
N ILE C 200 25.39 -1.56 -14.17
CA ILE C 200 24.78 -0.61 -13.21
C ILE C 200 24.55 -1.28 -11.85
N GLN C 201 25.26 -0.78 -10.85
CA GLN C 201 25.11 -1.27 -9.48
C GLN C 201 24.67 -0.15 -8.54
N LYS C 202 25.02 1.09 -8.88
CA LYS C 202 24.64 2.25 -8.10
C LYS C 202 23.75 3.17 -8.92
N LEU C 203 23.06 4.09 -8.25
CA LEU C 203 22.15 5.03 -8.90
C LEU C 203 22.89 5.95 -9.86
N ARG C 204 24.09 6.38 -9.47
CA ARG C 204 24.90 7.28 -10.30
C ARG C 204 25.46 6.62 -11.56
N ASP C 205 25.39 5.28 -11.63
CA ASP C 205 25.84 4.52 -12.80
C ASP C 205 24.88 4.66 -14.00
N ILE C 206 23.74 5.30 -13.76
CA ILE C 206 22.77 5.57 -14.83
C ILE C 206 23.27 6.68 -15.75
N LEU C 207 23.83 7.74 -15.16
CA LEU C 207 24.30 8.93 -15.88
C LEU C 207 25.15 8.63 -17.13
N SER C 208 26.07 7.68 -17.01
CA SER C 208 26.98 7.32 -18.10
C SER C 208 26.30 6.62 -19.28
N LYS C 209 25.30 5.78 -18.97
CA LYS C 209 24.56 5.04 -20.00
C LYS C 209 23.57 5.92 -20.76
N ASN C 210 23.46 5.67 -22.06
CA ASN C 210 22.48 6.37 -22.89
C ASN C 210 21.05 5.90 -22.62
N TYR C 211 20.13 6.86 -22.57
CA TYR C 211 18.72 6.62 -22.29
C TYR C 211 18.12 5.41 -23.02
N ASN C 212 18.49 5.22 -24.28
CA ASN C 212 17.99 4.09 -25.09
C ASN C 212 18.51 2.72 -24.65
N GLU C 213 19.79 2.67 -24.28
CA GLU C 213 20.41 1.46 -23.76
C GLU C 213 19.70 1.02 -22.48
N LEU C 214 19.23 2.03 -21.73
CA LEU C 214 18.51 1.83 -20.48
C LEU C 214 17.09 1.33 -20.73
N GLU C 215 16.31 2.13 -21.46
CA GLU C 215 14.92 1.82 -21.78
C GLU C 215 14.70 0.35 -22.12
N LYS C 216 15.48 -0.16 -23.07
CA LYS C 216 15.44 -1.56 -23.49
C LYS C 216 15.16 -2.56 -22.34
N ILE C 217 15.85 -2.38 -21.22
CA ILE C 217 15.67 -3.25 -20.06
C ILE C 217 14.60 -2.71 -19.10
N THR C 218 14.53 -1.38 -18.99
CA THR C 218 13.72 -0.72 -17.97
C THR C 218 12.24 -0.58 -18.31
N GLY C 219 11.97 -0.14 -19.54
CA GLY C 219 10.62 0.14 -19.98
C GLY C 219 10.55 1.51 -20.61
N LYS C 220 9.88 2.44 -19.94
CA LYS C 220 9.78 3.83 -20.39
C LYS C 220 9.74 4.72 -19.16
N ALA C 221 8.66 4.57 -18.39
CA ALA C 221 8.35 5.43 -17.25
C ALA C 221 9.40 5.32 -16.14
N LYS C 222 9.92 4.12 -15.93
CA LYS C 222 10.95 3.88 -14.93
C LYS C 222 12.27 4.56 -15.28
N ALA C 223 12.70 4.37 -16.53
CA ALA C 223 13.89 5.03 -17.07
C ALA C 223 13.86 6.53 -16.79
N LEU C 224 12.76 7.18 -17.19
CA LEU C 224 12.55 8.61 -16.96
C LEU C 224 12.65 8.93 -15.47
N TYR C 225 11.87 8.19 -14.68
CA TYR C 225 11.84 8.32 -13.22
C TYR C 225 13.24 8.16 -12.58
N LEU C 226 14.01 7.17 -13.03
CA LEU C 226 15.38 6.95 -12.55
C LEU C 226 16.26 8.15 -12.86
N LEU C 227 16.20 8.60 -14.11
CA LEU C 227 17.00 9.72 -14.59
C LEU C 227 16.81 10.95 -13.69
N LYS C 228 15.56 11.32 -13.46
CA LYS C 228 15.24 12.51 -12.67
C LYS C 228 15.72 12.38 -11.24
N LEU C 229 15.56 11.17 -10.69
CA LEU C 229 15.95 10.88 -9.32
C LEU C 229 17.46 11.02 -9.11
N ALA C 230 18.24 10.38 -9.98
CA ALA C 230 19.70 10.45 -9.96
C ALA C 230 20.23 11.87 -10.04
N GLN C 231 19.57 12.69 -10.86
CA GLN C 231 19.94 14.08 -11.04
C GLN C 231 19.32 14.99 -9.98
N ASN C 232 18.70 14.38 -8.97
CA ASN C 232 17.91 15.11 -7.98
C ASN C 232 16.91 16.08 -8.60
N LYS C 233 16.14 15.59 -9.56
CA LYS C 233 15.13 16.38 -10.24
C LYS C 233 13.73 15.93 -9.89
N TYR C 234 13.62 14.82 -9.17
CA TYR C 234 12.35 14.25 -8.75
C TYR C 234 11.74 15.07 -7.61
N SER C 235 10.43 15.33 -7.69
CA SER C 235 9.71 16.08 -6.65
C SER C 235 8.18 16.01 -6.75
N GLU C 236 7.65 14.85 -7.16
CA GLU C 236 6.20 14.64 -7.14
C GLU C 236 5.66 15.05 -5.76
N PRO C 237 4.62 15.90 -5.75
CA PRO C 237 4.07 16.38 -4.48
C PRO C 237 3.26 15.33 -3.72
N VAL C 238 2.95 15.64 -2.47
CA VAL C 238 2.11 14.81 -1.63
C VAL C 238 0.69 15.24 -1.90
N GLU C 239 -0.18 14.28 -2.23
CA GLU C 239 -1.58 14.59 -2.56
C GLU C 239 -2.54 14.18 -1.44
N ASN C 240 -3.70 14.82 -1.40
CA ASN C 240 -4.73 14.39 -0.48
C ASN C 240 -5.51 13.26 -1.11
N LYS C 241 -4.91 12.08 -1.16
CA LYS C 241 -5.61 10.92 -1.66
C LYS C 241 -5.23 9.69 -0.86
N SER C 242 -6.14 8.73 -0.81
CA SER C 242 -5.90 7.44 -0.18
C SER C 242 -5.78 6.38 -1.26
N LYS C 243 -4.69 5.63 -1.24
CA LYS C 243 -4.47 4.56 -2.21
C LYS C 243 -5.12 3.22 -1.82
N ILE C 244 -5.77 3.18 -0.66
CA ILE C 244 -6.49 1.98 -0.19
C ILE C 244 -7.85 1.82 -0.88
N PRO C 245 -8.06 0.68 -1.58
CA PRO C 245 -9.34 0.41 -2.23
C PRO C 245 -10.38 -0.12 -1.26
N HIS C 246 -11.64 0.12 -1.56
CA HIS C 246 -12.73 -0.43 -0.78
C HIS C 246 -13.70 -1.10 -1.72
N GLY C 247 -14.01 -2.36 -1.44
CA GLY C 247 -14.90 -3.14 -2.30
C GLY C 247 -15.85 -4.07 -1.55
N ARG C 248 -16.98 -4.37 -2.16
CA ARG C 248 -17.89 -5.38 -1.66
C ARG C 248 -18.26 -6.35 -2.79
N TYR C 249 -18.23 -7.64 -2.47
CA TYR C 249 -18.58 -8.71 -3.42
C TYR C 249 -19.75 -9.55 -2.90
N LEU C 250 -20.76 -9.71 -3.74
CA LEU C 250 -21.95 -10.46 -3.37
C LEU C 250 -22.24 -11.64 -4.31
N THR C 251 -22.48 -12.81 -3.71
CA THR C 251 -22.89 -14.01 -4.44
C THR C 251 -24.38 -13.91 -4.79
N LEU C 252 -24.72 -14.36 -6.00
CA LEU C 252 -26.11 -14.40 -6.45
C LEU C 252 -26.78 -15.72 -6.03
N PRO C 253 -28.14 -15.73 -5.87
CA PRO C 253 -28.80 -16.94 -5.41
C PRO C 253 -28.58 -18.11 -6.36
N TYR C 254 -28.41 -17.79 -7.64
CA TYR C 254 -28.09 -18.77 -8.69
C TYR C 254 -27.37 -18.04 -9.82
N ASN C 255 -26.89 -18.77 -10.83
CA ASN C 255 -26.17 -18.16 -11.96
C ASN C 255 -27.12 -17.50 -12.96
N THR C 256 -26.79 -16.30 -13.42
CA THR C 256 -27.68 -15.51 -14.31
C THR C 256 -26.95 -14.71 -15.38
N ARG C 257 -27.73 -14.23 -16.35
CA ARG C 257 -27.28 -13.24 -17.33
C ARG C 257 -28.23 -12.04 -17.33
N ASP C 258 -29.17 -12.04 -16.38
CA ASP C 258 -30.25 -11.05 -16.36
C ASP C 258 -29.97 -9.86 -15.44
N VAL C 259 -29.85 -8.69 -16.07
CA VAL C 259 -29.52 -7.43 -15.38
C VAL C 259 -30.50 -7.03 -14.28
N LYS C 260 -31.79 -7.23 -14.54
CA LYS C 260 -32.88 -6.91 -13.60
C LYS C 260 -32.73 -7.70 -12.29
N VAL C 261 -32.09 -8.87 -12.39
CA VAL C 261 -31.81 -9.70 -11.23
C VAL C 261 -30.49 -9.29 -10.59
N ILE C 262 -29.46 -9.10 -11.42
CA ILE C 262 -28.12 -8.76 -10.95
C ILE C 262 -28.04 -7.36 -10.29
N LEU C 263 -28.67 -6.37 -10.92
CA LEU C 263 -28.66 -4.98 -10.43
C LEU C 263 -28.96 -4.78 -8.94
N PRO C 264 -30.11 -5.28 -8.45
CA PRO C 264 -30.40 -5.20 -7.00
C PRO C 264 -29.22 -5.65 -6.11
N TYR C 265 -28.43 -6.60 -6.59
CA TYR C 265 -27.26 -7.09 -5.88
C TYR C 265 -26.05 -6.19 -6.11
N LEU C 266 -25.92 -5.66 -7.32
CA LEU C 266 -24.86 -4.70 -7.60
C LEU C 266 -25.10 -3.44 -6.77
N LYS C 267 -26.33 -2.92 -6.83
CA LYS C 267 -26.69 -1.72 -6.09
C LYS C 267 -26.34 -1.84 -4.61
N LYS C 268 -26.46 -3.04 -4.07
CA LYS C 268 -26.21 -3.29 -2.65
C LYS C 268 -24.73 -3.32 -2.35
N ALA C 269 -23.95 -3.83 -3.29
CA ALA C 269 -22.49 -3.85 -3.16
C ALA C 269 -21.93 -2.44 -3.18
N ILE C 270 -22.46 -1.63 -4.09
CA ILE C 270 -22.09 -0.24 -4.21
C ILE C 270 -22.34 0.50 -2.91
N ASN C 271 -23.55 0.35 -2.36
CA ASN C 271 -23.90 0.98 -1.09
C ASN C 271 -22.93 0.65 0.03
N GLU C 272 -22.62 -0.64 0.16
CA GLU C 272 -21.73 -1.09 1.22
C GLU C 272 -20.31 -0.62 1.02
N ALA C 273 -19.89 -0.51 -0.24
CA ALA C 273 -18.57 0.02 -0.55
C ALA C 273 -18.46 1.52 -0.23
N TYR C 274 -19.45 2.30 -0.65
CA TYR C 274 -19.45 3.73 -0.38
C TYR C 274 -19.47 4.07 1.10
N ASN C 275 -20.09 3.22 1.91
CA ASN C 275 -20.07 3.39 3.37
C ASN C 275 -18.70 3.16 3.97
N LYS C 276 -17.89 2.32 3.32
CA LYS C 276 -16.53 2.06 3.77
C LYS C 276 -15.59 3.22 3.41
N VAL C 277 -16.03 4.08 2.48
CA VAL C 277 -15.17 5.13 1.94
C VAL C 277 -15.34 6.45 2.69
N ASN C 278 -14.23 7.15 2.91
CA ASN C 278 -14.28 8.46 3.54
C ASN C 278 -13.68 9.55 2.62
N GLY C 279 -14.33 9.73 1.47
CA GLY C 279 -13.90 10.68 0.46
C GLY C 279 -14.67 10.40 -0.82
N ILE C 280 -14.22 10.94 -1.95
CA ILE C 280 -14.87 10.65 -3.22
C ILE C 280 -13.92 9.87 -4.12
N PRO C 281 -14.31 8.66 -4.57
CA PRO C 281 -13.44 7.83 -5.41
C PRO C 281 -13.33 8.44 -6.79
N MET C 282 -12.25 8.12 -7.49
CA MET C 282 -12.09 8.58 -8.87
C MET C 282 -12.26 7.44 -9.85
N ARG C 283 -12.31 6.22 -9.33
CA ARG C 283 -12.54 5.04 -10.16
C ARG C 283 -13.55 4.07 -9.56
N ILE C 284 -14.48 3.61 -10.41
CA ILE C 284 -15.36 2.49 -10.06
C ILE C 284 -14.95 1.33 -10.94
N THR C 285 -14.90 0.14 -10.37
CA THR C 285 -14.65 -1.07 -11.14
C THR C 285 -15.70 -2.11 -10.81
N VAL C 286 -16.36 -2.65 -11.82
CA VAL C 286 -17.29 -3.72 -11.62
C VAL C 286 -16.59 -5.02 -11.91
N ILE C 287 -16.57 -5.91 -10.93
CA ILE C 287 -15.99 -7.23 -11.06
C ILE C 287 -17.11 -8.26 -11.07
N ALA C 288 -17.03 -9.22 -11.98
CA ALA C 288 -18.04 -10.28 -12.06
C ALA C 288 -17.38 -11.65 -12.23
N ILE C 289 -17.69 -12.55 -11.30
CA ILE C 289 -17.26 -13.95 -11.40
C ILE C 289 -18.33 -14.71 -12.18
N MET C 290 -17.89 -15.52 -13.13
CA MET C 290 -18.80 -16.29 -13.96
C MET C 290 -19.00 -17.67 -13.34
N GLU C 291 -19.81 -18.51 -14.00
CA GLU C 291 -20.05 -19.88 -13.55
C GLU C 291 -18.73 -20.60 -13.34
N ASP C 292 -17.91 -20.66 -14.38
CA ASP C 292 -16.62 -21.34 -14.35
C ASP C 292 -15.56 -20.61 -13.50
N LEU C 293 -16.04 -19.73 -12.64
CA LEU C 293 -15.23 -19.10 -11.57
C LEU C 293 -14.18 -18.08 -12.00
N ASP C 294 -13.89 -17.99 -13.30
CA ASP C 294 -12.94 -16.98 -13.77
C ASP C 294 -13.54 -15.57 -13.76
N ILE C 295 -12.64 -14.59 -13.70
CA ILE C 295 -12.96 -13.21 -13.34
C ILE C 295 -13.09 -12.33 -14.58
N LEU C 296 -14.07 -11.44 -14.54
CA LEU C 296 -14.28 -10.46 -15.59
C LEU C 296 -14.53 -9.11 -14.92
N SER C 297 -13.72 -8.12 -15.26
CA SER C 297 -13.84 -6.78 -14.66
C SER C 297 -13.55 -5.65 -15.65
N LYS C 298 -13.91 -4.45 -15.26
CA LYS C 298 -13.83 -3.27 -16.12
C LYS C 298 -14.20 -2.04 -15.29
N GLY C 299 -13.41 -0.98 -15.44
CA GLY C 299 -13.64 0.25 -14.68
C GLY C 299 -13.81 1.51 -15.50
N LYS C 300 -14.07 2.62 -14.81
CA LYS C 300 -14.05 3.94 -15.41
C LYS C 300 -13.45 4.96 -14.45
N LYS C 301 -12.58 5.80 -14.97
CA LYS C 301 -11.94 6.86 -14.19
C LYS C 301 -12.75 8.12 -14.30
N PHE C 302 -12.71 8.94 -13.25
CA PHE C 302 -13.40 10.20 -13.25
C PHE C 302 -12.51 11.27 -12.65
N LYS C 303 -11.99 12.15 -13.51
CA LYS C 303 -11.12 13.24 -13.09
C LYS C 303 -11.61 13.89 -11.80
N HIS C 304 -12.91 14.19 -11.75
CA HIS C 304 -13.49 14.89 -10.60
C HIS C 304 -14.26 14.02 -9.60
N GLY C 305 -14.17 12.70 -9.76
CA GLY C 305 -14.78 11.76 -8.82
C GLY C 305 -16.22 11.39 -9.11
N ILE C 306 -16.68 10.28 -8.51
CA ILE C 306 -18.05 9.80 -8.65
C ILE C 306 -18.71 9.73 -7.29
N SER C 307 -19.91 10.31 -7.20
CA SER C 307 -20.72 10.26 -5.99
C SER C 307 -21.58 9.00 -5.98
N ILE C 308 -22.06 8.64 -4.79
CA ILE C 308 -22.89 7.44 -4.59
C ILE C 308 -24.04 7.28 -5.59
N ASP C 309 -24.81 8.34 -5.79
CA ASP C 309 -26.00 8.29 -6.66
C ASP C 309 -25.61 8.02 -8.11
N ASN C 310 -24.61 8.77 -8.58
CA ASN C 310 -24.14 8.67 -9.96
C ASN C 310 -23.40 7.37 -10.27
N ALA C 311 -23.06 6.62 -9.23
CA ALA C 311 -22.34 5.36 -9.40
C ALA C 311 -23.23 4.21 -9.86
N TYR C 312 -24.53 4.29 -9.54
CA TYR C 312 -25.49 3.22 -9.92
C TYR C 312 -25.60 3.09 -11.44
N LYS C 313 -25.77 4.23 -12.10
CA LYS C 313 -25.83 4.31 -13.56
C LYS C 313 -24.57 3.73 -14.21
N VAL C 314 -23.41 4.26 -13.79
CA VAL C 314 -22.11 3.87 -14.35
C VAL C 314 -21.85 2.38 -14.14
N ALA C 315 -22.06 1.90 -12.91
CA ALA C 315 -21.88 0.49 -12.63
C ALA C 315 -22.81 -0.37 -13.49
N GLU C 316 -24.05 0.08 -13.68
CA GLU C 316 -25.01 -0.63 -14.53
C GLU C 316 -24.41 -0.84 -15.93
N ASP C 317 -23.94 0.26 -16.53
CA ASP C 317 -23.34 0.25 -17.86
C ASP C 317 -22.18 -0.73 -17.95
N LEU C 318 -21.17 -0.52 -17.10
CA LEU C 318 -20.03 -1.43 -17.01
C LEU C 318 -20.46 -2.90 -17.03
N LEU C 319 -21.51 -3.22 -16.26
CA LEU C 319 -22.09 -4.56 -16.25
C LEU C 319 -22.59 -5.02 -17.62
N ARG C 320 -23.36 -4.17 -18.30
CA ARG C 320 -23.83 -4.46 -19.66
C ARG C 320 -22.64 -4.69 -20.57
N GLU C 321 -21.62 -3.85 -20.40
CA GLU C 321 -20.44 -3.89 -21.24
C GLU C 321 -19.70 -5.20 -21.04
N LEU C 322 -19.71 -5.70 -19.81
CA LEU C 322 -19.15 -7.02 -19.51
C LEU C 322 -19.99 -8.13 -20.14
N LEU C 323 -21.31 -7.91 -20.21
CA LEU C 323 -22.26 -8.88 -20.77
C LEU C 323 -22.28 -8.89 -22.30
N VAL C 324 -21.78 -7.79 -22.89
CA VAL C 324 -21.61 -7.70 -24.33
C VAL C 324 -20.25 -8.30 -24.71
N ARG C 325 -19.28 -8.22 -23.79
CA ARG C 325 -17.97 -8.83 -23.99
C ARG C 325 -18.01 -10.35 -23.83
N ASP C 326 -18.81 -10.82 -22.88
CA ASP C 326 -19.03 -12.25 -22.70
C ASP C 326 -20.50 -12.60 -22.90
N LYS C 327 -20.83 -13.04 -24.10
CA LYS C 327 -22.21 -13.45 -24.42
C LYS C 327 -22.37 -14.94 -24.19
N ARG C 328 -23.56 -15.34 -23.75
CA ARG C 328 -23.89 -16.75 -23.52
C ARG C 328 -22.97 -17.40 -22.45
N ARG C 329 -22.98 -16.79 -21.26
CA ARG C 329 -22.27 -17.29 -20.07
C ARG C 329 -22.79 -16.55 -18.83
N ASN C 330 -23.26 -17.30 -17.83
CA ASN C 330 -23.92 -16.72 -16.66
C ASN C 330 -22.95 -16.29 -15.55
N VAL C 331 -23.27 -15.22 -14.83
CA VAL C 331 -22.50 -14.78 -13.65
C VAL C 331 -22.93 -15.51 -12.38
N ARG C 332 -22.09 -15.46 -11.35
CA ARG C 332 -22.30 -16.18 -10.09
C ARG C 332 -22.22 -15.23 -8.91
N ARG C 333 -21.27 -14.31 -8.97
CA ARG C 333 -20.91 -13.44 -7.88
C ARG C 333 -20.49 -12.10 -8.47
N ILE C 334 -21.11 -11.01 -8.02
CA ILE C 334 -20.68 -9.66 -8.45
C ILE C 334 -20.07 -8.84 -7.33
N GLY C 335 -19.26 -7.87 -7.73
CA GLY C 335 -18.64 -6.96 -6.79
C GLY C 335 -18.25 -5.63 -7.41
N VAL C 336 -18.05 -4.64 -6.55
CA VAL C 336 -17.60 -3.34 -6.97
C VAL C 336 -16.34 -2.96 -6.20
N LYS C 337 -15.44 -2.21 -6.86
CA LYS C 337 -14.23 -1.69 -6.23
C LYS C 337 -14.14 -0.17 -6.43
N LEU C 338 -13.82 0.53 -5.35
CA LEU C 338 -13.68 1.98 -5.40
C LEU C 338 -12.28 2.37 -4.96
N ASP C 339 -11.57 3.09 -5.83
CA ASP C 339 -10.23 3.55 -5.47
C ASP C 339 -9.89 4.93 -6.02
N ASN C 340 -8.67 5.38 -5.76
CA ASN C 340 -8.26 6.77 -6.01
C ASN C 340 -9.14 7.73 -5.24
N ILE C 341 -9.23 7.54 -3.93
CA ILE C 341 -10.11 8.37 -3.11
C ILE C 341 -9.51 9.74 -2.84
N ILE C 342 -10.28 10.79 -3.07
CA ILE C 342 -9.85 12.15 -2.75
C ILE C 342 -10.28 12.47 -1.32
N ILE C 343 -9.32 12.83 -0.47
CA ILE C 343 -9.59 13.13 0.94
C ILE C 343 -9.83 14.63 1.18
N ASN C 344 -10.54 14.94 2.28
CA ASN C 344 -10.71 16.30 2.84
C ASN C 344 -11.62 17.20 1.99
PG DG3 D . 7.40 -3.89 7.34
O1G DG3 D . 7.00 -3.48 5.92
O2G DG3 D . 7.25 -2.85 8.46
O3G DG3 D . 8.75 -4.56 7.38
O3B DG3 D . 6.37 -5.07 7.74
PB DG3 D . 4.77 -4.88 7.76
O1B DG3 D . 4.13 -6.23 7.95
O2B DG3 D . 4.48 -3.83 8.81
O3A DG3 D . 4.33 -4.26 6.33
PA DG3 D . 4.26 -4.92 4.84
O1A DG3 D . 5.68 -5.37 4.47
O2A DG3 D . 3.58 -3.84 3.99
O5' DG3 D . 3.22 -6.16 4.82
C5' DG3 D . 1.85 -5.92 5.12
C4' DG3 D . 0.85 -7.00 4.65
O4' DG3 D . 0.91 -7.32 3.25
C3' DG3 D . 0.99 -8.31 5.40
C2' DG3 D . 0.73 -9.39 4.36
C1' DG3 D . 0.98 -8.73 3.03
N9 DG3 D . 2.34 -9.02 2.53
C8 DG3 D . 3.45 -8.26 2.65
N7 DG3 D . 4.53 -8.85 2.03
C5 DG3 D . 4.10 -10.01 1.51
C6 DG3 D . 4.70 -11.13 0.75
O6 DG3 D . 5.91 -11.13 0.42
N1 DG3 D . 3.87 -12.13 0.41
C2 DG3 D . 2.56 -12.16 0.74
N2 DG3 D . 1.81 -13.22 0.37
N3 DG3 D . 1.96 -11.19 1.44
C4 DG3 D . 2.67 -10.11 1.84
CA CA E . 5.28 -1.72 8.00
#